data_4M6O
#
_entry.id   4M6O
#
_cell.length_a   152.600
_cell.length_b   152.600
_cell.length_c   152.600
_cell.angle_alpha   90.00
_cell.angle_beta   90.00
_cell.angle_gamma   90.00
#
_symmetry.space_group_name_H-M   'I 2 3'
#
loop_
_entity.id
_entity.type
_entity.pdbx_description
1 polymer 'CNTO7309 light chain'
2 polymer 'CNTO7309 heavy chain'
3 non-polymer '2-(N-MORPHOLINO)-ETHANESULFONIC ACID'
4 non-polymer 'SULFATE ION'
5 non-polymer 'NICKEL (II) ION'
6 water water
#
loop_
_entity_poly.entity_id
_entity_poly.type
_entity_poly.pdbx_seq_one_letter_code
_entity_poly.pdbx_strand_id
1 'polypeptide(L)'
;AIQLTQSPSSLSASVGDRVTITCRASQGISSALAWYQQKPGKAPKLLIYDASSLESGVPSRFSGSGSGTDFTLTISSLQP
EDFATYYCQQFNSYPLTFGGGTKVEIKRTVAAPSVFIFPPSDEQLKSGTASVVCLLNNFYPREAKVQWKVDNALQSGNSQ
ESVTEQDSKDSTYSLSSTLTLSKADYEKHKVYACEVTHQGLSSPVTKSFNRGEC
;
L
2 'polypeptide(L)'
;EVQLVESGGGLVQPGGSLRLSCAASGFTLRSYSMNWVRQAPGKGLEWVSYISRSSHTIFYADSVKGRFTISRDNAKNSLY
LQMDSLRDEDTAMYYCARVYSSGWHVSDYFDYWGQGILVTVSSASTKGPSVFPLAPSSKSTSGGTAALGCLVKDYFPEPV
TVSWNSGALTSGVHTFPAVLQSSGLYSLSSVVTVPSSSLGTQTYICNVNHKPSNTKVDKKVEPKSCHHHHHH
;
H
#
loop_
_chem_comp.id
_chem_comp.type
_chem_comp.name
_chem_comp.formula
MES non-polymer '2-(N-MORPHOLINO)-ETHANESULFONIC ACID' 'C6 H13 N O4 S'
NI non-polymer 'NICKEL (II) ION' 'Ni 2'
SO4 non-polymer 'SULFATE ION' 'O4 S -2'
#
# COMPACT_ATOMS: atom_id res chain seq x y z
N ALA A 1 -27.14 -8.18 -10.86
CA ALA A 1 -26.12 -8.06 -9.79
C ALA A 1 -26.72 -7.46 -8.53
N ILE A 2 -26.05 -7.70 -7.41
CA ILE A 2 -26.44 -7.13 -6.15
C ILE A 2 -25.39 -6.07 -5.83
N GLN A 3 -25.84 -4.84 -5.57
CA GLN A 3 -24.92 -3.77 -5.19
C GLN A 3 -24.94 -3.65 -3.70
N LEU A 4 -23.77 -3.41 -3.13
CA LEU A 4 -23.65 -3.17 -1.70
C LEU A 4 -23.15 -1.75 -1.45
N THR A 5 -23.91 -1.01 -0.63
CA THR A 5 -23.55 0.37 -0.26
C THR A 5 -23.09 0.47 1.18
N GLN A 6 -21.81 0.82 1.37
CA GLN A 6 -21.26 0.99 2.71
C GLN A 6 -21.27 2.42 3.17
N SER A 7 -21.69 2.62 4.42
CA SER A 7 -21.55 3.91 5.06
C SER A 7 -20.81 3.75 6.38
N PRO A 8 -19.86 4.66 6.69
CA PRO A 8 -19.38 5.72 5.81
C PRO A 8 -18.14 5.26 5.03
N SER A 9 -17.54 6.17 4.25
CA SER A 9 -16.27 5.87 3.56
C SER A 9 -15.10 5.90 4.53
N SER A 10 -15.01 6.98 5.31
CA SER A 10 -13.91 7.19 6.24
C SER A 10 -14.49 7.26 7.63
N LEU A 11 -13.70 6.89 8.63
CA LEU A 11 -14.06 7.01 10.04
C LEU A 11 -12.88 7.54 10.84
N SER A 12 -13.13 8.55 11.66
CA SER A 12 -12.20 8.93 12.72
C SER A 12 -12.77 8.45 14.05
N ALA A 13 -11.97 7.75 14.85
CA ALA A 13 -12.46 7.17 16.07
C ALA A 13 -11.36 6.94 17.08
N SER A 14 -11.58 7.42 18.30
CA SER A 14 -10.61 7.31 19.39
C SER A 14 -10.47 5.87 19.89
N VAL A 15 -9.27 5.51 20.35
CA VAL A 15 -9.05 4.19 20.97
C VAL A 15 -10.04 3.98 22.11
N GLY A 16 -10.69 2.81 22.11
CA GLY A 16 -11.71 2.51 23.12
C GLY A 16 -13.15 2.86 22.73
N ASP A 17 -13.31 3.72 21.71
CA ASP A 17 -14.63 4.04 21.17
C ASP A 17 -15.32 2.80 20.60
N ARG A 18 -16.64 2.84 20.54
CA ARG A 18 -17.42 1.86 19.81
C ARG A 18 -17.63 2.40 18.41
N VAL A 19 -17.22 1.62 17.41
CA VAL A 19 -17.41 2.00 16.00
C VAL A 19 -18.39 1.06 15.34
N THR A 20 -19.27 1.62 14.51
CA THR A 20 -20.27 0.83 13.82
C THR A 20 -20.28 1.22 12.35
N ILE A 21 -19.96 0.26 11.48
CA ILE A 21 -20.01 0.41 10.02
C ILE A 21 -21.26 -0.32 9.48
N THR A 22 -21.95 0.29 8.53
CA THR A 22 -23.13 -0.35 7.92
C THR A 22 -22.86 -0.76 6.45
N CYS A 23 -23.72 -1.64 5.94
CA CYS A 23 -23.66 -2.15 4.58
C CYS A 23 -25.08 -2.52 4.16
N ARG A 24 -25.62 -1.78 3.19
CA ARG A 24 -27.00 -1.96 2.70
C ARG A 24 -27.02 -2.55 1.30
N ALA A 25 -27.74 -3.66 1.17
CA ALA A 25 -27.79 -4.45 -0.06
C ALA A 25 -28.92 -3.96 -0.95
N SER A 26 -28.69 -4.03 -2.27
CA SER A 26 -29.69 -3.58 -3.24
C SER A 26 -30.89 -4.54 -3.31
N GLN A 27 -30.77 -5.70 -2.68
CA GLN A 27 -31.82 -6.71 -2.60
C GLN A 27 -31.62 -7.67 -1.44
N GLY A 28 -32.72 -8.19 -0.91
CA GLY A 28 -32.69 -9.11 0.22
C GLY A 28 -31.77 -10.28 -0.04
N ILE A 29 -30.76 -10.43 0.82
CA ILE A 29 -29.81 -11.53 0.72
C ILE A 29 -29.83 -12.48 1.93
N SER A 30 -30.75 -12.20 2.85
CA SER A 30 -30.96 -13.03 4.02
C SER A 30 -29.78 -12.86 4.97
N SER A 31 -28.92 -13.86 5.06
CA SER A 31 -27.79 -13.82 5.99
C SER A 31 -26.46 -14.04 5.30
N ALA A 32 -26.50 -14.01 3.96
CA ALA A 32 -25.32 -14.32 3.16
C ALA A 32 -24.39 -13.11 3.04
N LEU A 33 -23.86 -12.66 4.17
CA LEU A 33 -22.89 -11.57 4.14
C LEU A 33 -21.61 -11.95 4.87
N ALA A 34 -20.49 -11.48 4.33
CA ALA A 34 -19.18 -11.61 4.95
C ALA A 34 -18.59 -10.22 5.22
N TRP A 35 -17.78 -10.11 6.27
CA TRP A 35 -16.94 -8.92 6.50
C TRP A 35 -15.47 -9.27 6.51
N TYR A 36 -14.67 -8.45 5.84
CA TYR A 36 -13.22 -8.66 5.81
C TYR A 36 -12.50 -7.44 6.36
N GLN A 37 -11.28 -7.65 6.82
CA GLN A 37 -10.40 -6.54 7.18
C GLN A 37 -9.21 -6.59 6.25
N GLN A 38 -8.92 -5.46 5.63
CA GLN A 38 -7.72 -5.33 4.81
C GLN A 38 -6.79 -4.27 5.40
N LYS A 39 -5.60 -4.72 5.82
CA LYS A 39 -4.46 -3.82 6.02
C LYS A 39 -3.89 -3.57 4.63
N PRO A 40 -3.55 -2.30 4.31
CA PRO A 40 -3.06 -1.99 2.95
C PRO A 40 -1.81 -2.78 2.58
N GLY A 41 -1.78 -3.31 1.36
CA GLY A 41 -0.66 -4.15 0.91
C GLY A 41 -0.97 -5.63 1.03
N LYS A 42 -1.34 -6.05 2.25
CA LYS A 42 -1.76 -7.41 2.53
C LYS A 42 -3.18 -7.74 2.00
N ALA A 43 -3.46 -9.04 1.81
CA ALA A 43 -4.77 -9.52 1.35
C ALA A 43 -5.83 -9.36 2.45
N PRO A 44 -7.13 -9.33 2.05
CA PRO A 44 -8.16 -9.26 3.09
C PRO A 44 -8.20 -10.51 3.99
N LYS A 45 -8.47 -10.26 5.27
CA LYS A 45 -8.60 -11.31 6.28
C LYS A 45 -10.12 -11.38 6.57
N LEU A 46 -10.70 -12.58 6.59
CA LEU A 46 -12.13 -12.75 6.90
C LEU A 46 -12.46 -12.61 8.37
N LEU A 47 -13.31 -11.62 8.70
CA LEU A 47 -13.75 -11.36 10.08
C LEU A 47 -15.02 -12.13 10.45
N ILE A 48 -16.05 -12.00 9.62
CA ILE A 48 -17.40 -12.48 9.91
C ILE A 48 -18.06 -13.08 8.67
N TYR A 49 -18.63 -14.26 8.83
CA TYR A 49 -19.43 -14.90 7.80
C TYR A 49 -20.83 -15.18 8.34
N ASP A 50 -21.78 -15.36 7.42
CA ASP A 50 -23.20 -15.55 7.75
C ASP A 50 -23.77 -14.40 8.60
N ALA A 51 -23.38 -13.17 8.22
CA ALA A 51 -23.79 -11.93 8.87
C ALA A 51 -23.24 -11.70 10.26
N SER A 52 -23.13 -12.76 11.06
CA SER A 52 -22.81 -12.61 12.49
C SER A 52 -21.90 -13.65 13.14
N SER A 53 -21.52 -14.71 12.42
CA SER A 53 -20.61 -15.68 13.00
C SER A 53 -19.19 -15.18 12.91
N LEU A 54 -18.48 -15.19 14.05
CA LEU A 54 -17.05 -14.87 14.08
C LEU A 54 -16.21 -15.99 13.48
N GLU A 55 -15.19 -15.61 12.70
CA GLU A 55 -14.18 -16.57 12.27
C GLU A 55 -13.28 -16.85 13.46
N SER A 56 -12.83 -18.09 13.55
CA SER A 56 -11.86 -18.52 14.55
C SER A 56 -10.66 -17.58 14.56
N GLY A 57 -10.22 -17.17 15.75
CA GLY A 57 -9.06 -16.30 15.90
C GLY A 57 -9.32 -14.81 15.83
N VAL A 58 -10.59 -14.43 15.67
CA VAL A 58 -10.94 -13.02 15.62
C VAL A 58 -11.36 -12.55 17.00
N PRO A 59 -10.78 -11.43 17.47
CA PRO A 59 -11.10 -10.87 18.78
C PRO A 59 -12.55 -10.44 18.89
N SER A 60 -13.13 -10.64 20.07
CA SER A 60 -14.58 -10.55 20.29
C SER A 60 -15.22 -9.18 20.17
N ARG A 61 -14.40 -8.12 20.17
CA ARG A 61 -14.90 -6.75 19.97
C ARG A 61 -15.54 -6.55 18.59
N PHE A 62 -15.06 -7.33 17.61
CA PHE A 62 -15.69 -7.44 16.30
C PHE A 62 -16.94 -8.29 16.38
N SER A 63 -18.06 -7.75 15.89
CA SER A 63 -19.34 -8.45 15.90
C SER A 63 -20.21 -8.07 14.70
N GLY A 64 -20.97 -9.03 14.20
CA GLY A 64 -21.86 -8.80 13.08
C GLY A 64 -23.32 -8.90 13.44
N SER A 65 -24.15 -8.10 12.78
CA SER A 65 -25.59 -8.18 12.96
C SER A 65 -26.26 -7.75 11.67
N GLY A 66 -27.57 -7.99 11.60
CA GLY A 66 -28.35 -7.62 10.42
C GLY A 66 -28.84 -8.84 9.67
N SER A 67 -29.87 -8.62 8.86
CA SER A 67 -30.50 -9.68 8.10
C SER A 67 -31.27 -9.05 6.94
N GLY A 68 -31.21 -9.71 5.78
CA GLY A 68 -32.00 -9.31 4.61
C GLY A 68 -31.40 -8.16 3.82
N THR A 69 -31.53 -6.93 4.32
CA THR A 69 -31.09 -5.79 3.53
C THR A 69 -30.06 -4.86 4.19
N ASP A 70 -30.19 -4.63 5.49
CA ASP A 70 -29.29 -3.73 6.23
C ASP A 70 -28.44 -4.51 7.21
N PHE A 71 -27.12 -4.36 7.10
CA PHE A 71 -26.15 -5.10 7.94
C PHE A 71 -25.19 -4.17 8.69
N THR A 72 -24.71 -4.60 9.86
CA THR A 72 -23.77 -3.80 10.62
C THR A 72 -22.52 -4.59 11.06
N LEU A 73 -21.34 -4.02 10.79
CA LEU A 73 -20.11 -4.46 11.45
C LEU A 73 -19.81 -3.52 12.61
N THR A 74 -19.45 -4.11 13.75
CA THR A 74 -19.32 -3.39 15.01
C THR A 74 -18.01 -3.73 15.69
N ILE A 75 -17.26 -2.70 16.03
CA ILE A 75 -16.07 -2.82 16.87
C ILE A 75 -16.43 -2.15 18.18
N SER A 76 -16.57 -2.94 19.25
CA SER A 76 -17.09 -2.42 20.51
C SER A 76 -16.08 -1.57 21.26
N SER A 77 -14.80 -1.91 21.13
CA SER A 77 -13.73 -1.12 21.75
C SER A 77 -12.53 -1.03 20.79
N LEU A 78 -12.47 0.03 20.00
CA LEU A 78 -11.46 0.16 18.92
C LEU A 78 -10.02 0.15 19.43
N GLN A 79 -9.24 -0.84 18.98
CA GLN A 79 -7.82 -0.94 19.34
C GLN A 79 -6.93 -0.21 18.33
N PRO A 80 -5.71 0.22 18.74
CA PRO A 80 -4.86 1.00 17.83
C PRO A 80 -4.43 0.27 16.56
N GLU A 81 -4.46 -1.06 16.57
CA GLU A 81 -4.08 -1.86 15.41
C GLU A 81 -5.26 -2.18 14.47
N ASP A 82 -6.41 -1.60 14.76
CA ASP A 82 -7.63 -1.86 14.01
C ASP A 82 -7.77 -0.99 12.77
N PHE A 83 -6.91 0.02 12.63
CA PHE A 83 -6.90 0.80 11.39
C PHE A 83 -6.78 -0.16 10.21
N ALA A 84 -7.67 0.01 9.23
CA ALA A 84 -7.82 -0.91 8.11
C ALA A 84 -8.96 -0.45 7.23
N THR A 85 -9.03 -0.97 6.02
CA THR A 85 -10.24 -0.79 5.26
C THR A 85 -11.04 -2.05 5.45
N TYR A 86 -12.35 -1.89 5.69
CA TYR A 86 -13.24 -3.04 5.90
C TYR A 86 -14.25 -3.15 4.78
N TYR A 87 -14.41 -4.36 4.26
CA TYR A 87 -15.37 -4.63 3.19
C TYR A 87 -16.39 -5.68 3.60
N CYS A 88 -17.64 -5.45 3.22
CA CYS A 88 -18.66 -6.48 3.20
C CYS A 88 -18.70 -7.10 1.81
N GLN A 89 -19.06 -8.39 1.71
CA GLN A 89 -19.43 -8.98 0.40
C GLN A 89 -20.61 -9.90 0.57
N GLN A 90 -21.38 -10.02 -0.52
CA GLN A 90 -22.54 -10.89 -0.51
C GLN A 90 -22.16 -12.19 -1.20
N PHE A 91 -22.63 -13.30 -0.63
CA PHE A 91 -22.47 -14.61 -1.28
C PHE A 91 -23.83 -15.27 -1.55
N ASN A 92 -24.86 -14.44 -1.59
CA ASN A 92 -26.19 -14.84 -2.02
C ASN A 92 -26.17 -15.40 -3.45
N SER A 93 -25.53 -14.68 -4.35
CA SER A 93 -25.44 -15.07 -5.76
C SER A 93 -24.18 -14.54 -6.41
N TYR A 94 -23.76 -15.25 -7.45
CA TYR A 94 -22.74 -14.73 -8.36
C TYR A 94 -23.43 -13.77 -9.37
N PRO A 95 -22.69 -12.76 -9.84
CA PRO A 95 -21.35 -12.36 -9.40
C PRO A 95 -21.27 -11.97 -7.92
N LEU A 96 -20.17 -12.37 -7.27
CA LEU A 96 -19.88 -11.92 -5.92
C LEU A 96 -19.47 -10.45 -5.94
N THR A 97 -20.11 -9.65 -5.08
CA THR A 97 -19.89 -8.22 -5.06
C THR A 97 -19.50 -7.73 -3.68
N PHE A 98 -18.70 -6.66 -3.64
CA PHE A 98 -18.24 -6.07 -2.38
C PHE A 98 -18.81 -4.67 -2.20
N GLY A 99 -18.82 -4.19 -0.96
CA GLY A 99 -19.06 -2.77 -0.71
C GLY A 99 -17.86 -1.96 -1.15
N GLY A 100 -18.00 -0.64 -1.13
CA GLY A 100 -16.92 0.24 -1.57
C GLY A 100 -15.77 0.31 -0.60
N GLY A 101 -16.01 -0.15 0.64
CA GLY A 101 -15.02 -0.14 1.71
C GLY A 101 -15.27 0.94 2.76
N THR A 102 -14.69 0.74 3.95
CA THR A 102 -14.63 1.80 4.98
C THR A 102 -13.24 1.88 5.60
N LYS A 103 -12.57 3.00 5.32
CA LYS A 103 -11.26 3.31 5.87
C LYS A 103 -11.46 3.72 7.34
N VAL A 104 -10.89 2.94 8.24
CA VAL A 104 -11.01 3.23 9.67
C VAL A 104 -9.69 3.79 10.17
N GLU A 105 -9.74 5.02 10.67
CA GLU A 105 -8.55 5.73 11.16
C GLU A 105 -8.69 5.97 12.66
N ILE A 106 -7.60 5.77 13.38
CA ILE A 106 -7.57 5.98 14.83
C ILE A 106 -7.41 7.46 15.17
N LYS A 107 -8.24 7.96 16.09
CA LYS A 107 -8.10 9.32 16.64
C LYS A 107 -7.18 9.29 17.85
N ARG A 108 -6.22 10.21 17.88
CA ARG A 108 -5.36 10.38 19.05
C ARG A 108 -5.08 11.86 19.32
N THR A 109 -4.32 12.15 20.39
CA THR A 109 -3.99 13.55 20.72
C THR A 109 -3.04 14.19 19.70
N VAL A 110 -3.16 15.51 19.55
CA VAL A 110 -2.30 16.27 18.64
C VAL A 110 -0.82 15.97 18.94
N ALA A 111 -0.04 15.70 17.88
CA ALA A 111 1.42 15.54 17.98
C ALA A 111 2.07 16.32 16.85
N ALA A 112 2.97 17.25 17.21
CA ALA A 112 3.64 18.08 16.22
C ALA A 112 4.70 17.28 15.49
N PRO A 113 4.93 17.59 14.20
CA PRO A 113 5.94 16.82 13.48
C PRO A 113 7.35 17.29 13.81
N SER A 114 8.31 16.36 13.81
CA SER A 114 9.71 16.71 13.72
C SER A 114 10.01 16.95 12.25
N VAL A 115 10.57 18.11 11.94
CA VAL A 115 10.91 18.43 10.55
C VAL A 115 12.38 18.26 10.25
N PHE A 116 12.67 17.66 9.09
CA PHE A 116 14.02 17.54 8.55
C PHE A 116 14.04 17.94 7.07
N ILE A 117 15.21 18.33 6.60
CA ILE A 117 15.38 18.70 5.19
C ILE A 117 16.68 18.08 4.71
N PHE A 118 16.65 17.49 3.52
CA PHE A 118 17.81 16.78 2.95
C PHE A 118 18.12 17.30 1.55
N PRO A 119 19.30 17.93 1.39
CA PRO A 119 19.73 18.46 0.09
C PRO A 119 20.03 17.33 -0.89
N PRO A 120 20.06 17.64 -2.21
CA PRO A 120 20.43 16.60 -3.18
C PRO A 120 21.85 16.07 -2.96
N SER A 121 22.00 14.75 -2.95
CA SER A 121 23.30 14.09 -2.94
C SER A 121 24.11 14.50 -4.17
N ASP A 122 25.44 14.44 -4.07
CA ASP A 122 26.30 14.83 -5.18
C ASP A 122 26.10 13.93 -6.38
N GLU A 123 26.02 12.63 -6.12
CA GLU A 123 25.74 11.64 -7.15
C GLU A 123 24.54 12.03 -8.03
N GLN A 124 23.42 12.43 -7.42
CA GLN A 124 22.22 12.81 -8.16
C GLN A 124 22.43 14.05 -9.02
N LEU A 125 23.23 14.97 -8.51
CA LEU A 125 23.57 16.19 -9.23
C LEU A 125 24.46 15.89 -10.42
N LYS A 126 25.28 14.83 -10.29
CA LYS A 126 26.16 14.35 -11.37
C LYS A 126 25.35 13.87 -12.57
N SER A 127 24.13 13.39 -12.32
CA SER A 127 23.22 12.98 -13.40
C SER A 127 22.22 14.08 -13.79
N GLY A 128 22.56 15.34 -13.48
CA GLY A 128 21.80 16.48 -13.98
C GLY A 128 20.39 16.73 -13.46
N THR A 129 20.04 16.13 -12.32
CA THR A 129 18.72 16.36 -11.73
C THR A 129 18.79 16.52 -10.20
N ALA A 130 17.94 17.37 -9.64
CA ALA A 130 18.01 17.66 -8.19
C ALA A 130 16.73 17.36 -7.43
N SER A 131 16.84 16.45 -6.45
CA SER A 131 15.74 16.16 -5.55
C SER A 131 16.05 16.68 -4.15
N VAL A 132 15.23 17.62 -3.68
CA VAL A 132 15.31 18.08 -2.31
C VAL A 132 14.17 17.41 -1.53
N VAL A 133 14.48 16.91 -0.33
CA VAL A 133 13.51 16.10 0.43
C VAL A 133 13.22 16.64 1.82
N CYS A 134 11.95 16.96 2.08
CA CYS A 134 11.54 17.38 3.40
C CYS A 134 10.76 16.28 4.11
N LEU A 135 11.07 16.08 5.39
CA LEU A 135 10.41 15.06 6.21
C LEU A 135 9.62 15.68 7.36
N LEU A 136 8.38 15.25 7.50
CA LEU A 136 7.57 15.52 8.69
C LEU A 136 7.43 14.18 9.40
N ASN A 137 7.83 14.11 10.67
CA ASN A 137 8.01 12.80 11.32
C ASN A 137 7.16 12.56 12.55
N ASN A 138 6.39 11.47 12.51
CA ASN A 138 5.56 11.01 13.62
C ASN A 138 4.55 12.04 14.16
N PHE A 139 3.61 12.46 13.31
CA PHE A 139 2.64 13.48 13.70
C PHE A 139 1.17 13.03 13.63
N TYR A 140 0.29 13.82 14.25
CA TYR A 140 -1.16 13.67 14.12
C TYR A 140 -1.87 15.03 14.32
N PRO A 141 -2.93 15.32 13.53
CA PRO A 141 -3.52 14.58 12.40
C PRO A 141 -2.72 14.63 11.09
N ARG A 142 -3.18 13.86 10.11
CA ARG A 142 -2.60 13.77 8.77
C ARG A 142 -2.51 15.13 8.11
N GLU A 143 -3.43 16.03 8.50
CA GLU A 143 -3.53 17.36 7.88
C GLU A 143 -2.33 18.22 8.23
N ALA A 144 -1.54 18.53 7.21
CA ALA A 144 -0.33 19.34 7.33
C ALA A 144 -0.15 20.11 6.04
N LYS A 145 0.50 21.29 6.14
CA LYS A 145 0.90 22.05 4.96
C LYS A 145 2.43 22.09 4.85
N VAL A 146 2.94 21.82 3.66
CA VAL A 146 4.38 21.84 3.41
C VAL A 146 4.65 22.79 2.27
N GLN A 147 5.28 23.93 2.58
CA GLN A 147 5.59 24.89 1.53
C GLN A 147 7.08 25.01 1.26
N TRP A 148 7.41 24.96 -0.02
CA TRP A 148 8.77 25.06 -0.51
C TRP A 148 9.08 26.46 -0.91
N LYS A 149 10.13 27.02 -0.31
CA LYS A 149 10.60 28.35 -0.64
C LYS A 149 12.05 28.24 -1.12
N VAL A 150 12.29 28.72 -2.33
CA VAL A 150 13.64 28.70 -2.89
C VAL A 150 14.10 30.14 -3.06
N ASP A 151 15.21 30.50 -2.41
CA ASP A 151 15.66 31.90 -2.34
C ASP A 151 14.47 32.78 -1.94
N ASN A 152 13.72 32.31 -0.95
CA ASN A 152 12.56 33.00 -0.39
C ASN A 152 11.35 33.25 -1.34
N ALA A 153 11.22 32.46 -2.40
CA ALA A 153 10.07 32.54 -3.29
C ALA A 153 9.26 31.24 -3.22
N LEU A 154 7.93 31.35 -3.19
CA LEU A 154 7.10 30.14 -3.00
C LEU A 154 6.90 29.36 -4.30
N GLN A 155 7.18 28.07 -4.21
CA GLN A 155 7.19 27.15 -5.34
C GLN A 155 5.81 26.52 -5.54
N SER A 156 5.37 26.48 -6.80
CA SER A 156 4.06 25.93 -7.14
C SER A 156 4.14 24.79 -8.16
N GLY A 157 3.41 23.72 -7.86
CA GLY A 157 3.22 22.56 -8.75
C GLY A 157 4.45 21.87 -9.30
N ASN A 158 5.47 21.71 -8.45
CA ASN A 158 6.70 21.00 -8.82
C ASN A 158 7.25 20.15 -7.66
N SER A 159 6.35 19.59 -6.86
CA SER A 159 6.71 18.77 -5.71
C SER A 159 5.62 17.78 -5.38
N GLN A 160 5.99 16.66 -4.74
CA GLN A 160 5.03 15.59 -4.46
C GLN A 160 5.11 15.08 -3.04
N GLU A 161 3.97 14.64 -2.52
CA GLU A 161 3.88 14.17 -1.15
C GLU A 161 3.58 12.67 -1.08
N SER A 162 3.89 12.09 0.08
CA SER A 162 3.60 10.70 0.37
C SER A 162 3.46 10.51 1.89
N VAL A 163 2.36 9.87 2.31
CA VAL A 163 2.09 9.71 3.73
C VAL A 163 2.14 8.24 4.10
N THR A 164 2.80 7.93 5.21
CA THR A 164 2.90 6.55 5.66
C THR A 164 1.56 6.11 6.22
N GLU A 165 1.38 4.80 6.36
CA GLU A 165 0.24 4.24 7.08
C GLU A 165 0.31 4.71 8.53
N GLN A 166 -0.84 4.84 9.18
CA GLN A 166 -0.86 5.18 10.60
C GLN A 166 0.00 4.14 11.34
N ASP A 167 0.85 4.56 12.28
CA ASP A 167 1.67 3.61 13.06
C ASP A 167 0.82 2.81 14.04
N SER A 168 1.01 1.50 14.05
CA SER A 168 0.11 0.61 14.78
C SER A 168 0.25 0.64 16.30
N LYS A 169 1.16 1.47 16.81
CA LYS A 169 1.33 1.61 18.25
C LYS A 169 0.89 2.98 18.78
N ASP A 170 1.41 4.05 18.19
CA ASP A 170 1.11 5.41 18.65
C ASP A 170 0.16 6.19 17.71
N SER A 171 -0.22 5.57 16.59
CA SER A 171 -1.25 6.12 15.68
C SER A 171 -0.85 7.40 14.93
N THR A 172 0.45 7.52 14.65
CA THR A 172 0.98 8.75 14.06
C THR A 172 1.44 8.54 12.63
N TYR A 173 1.30 9.59 11.82
CA TYR A 173 1.75 9.57 10.44
C TYR A 173 3.16 10.12 10.28
N SER A 174 3.70 9.92 9.08
CA SER A 174 4.91 10.57 8.67
C SER A 174 4.78 10.91 7.20
N LEU A 175 5.30 12.07 6.82
CA LEU A 175 5.11 12.61 5.48
C LEU A 175 6.43 12.96 4.85
N SER A 176 6.55 12.71 3.56
CA SER A 176 7.71 13.19 2.82
C SER A 176 7.22 14.08 1.70
N SER A 177 7.91 15.20 1.53
CA SER A 177 7.67 16.07 0.40
C SER A 177 8.98 16.17 -0.36
N THR A 178 8.90 16.01 -1.68
CA THR A 178 10.08 16.06 -2.51
C THR A 178 9.94 17.20 -3.50
N LEU A 179 10.91 18.11 -3.49
CA LEU A 179 11.01 19.13 -4.54
C LEU A 179 11.92 18.62 -5.64
N THR A 180 11.53 18.90 -6.88
CA THR A 180 12.27 18.41 -8.03
C THR A 180 12.51 19.52 -9.02
N LEU A 181 13.77 19.69 -9.40
CA LEU A 181 14.15 20.57 -10.50
C LEU A 181 15.48 20.18 -11.10
N SER A 182 15.70 20.62 -12.33
CA SER A 182 16.97 20.43 -13.04
C SER A 182 18.16 21.00 -12.28
N LYS A 183 19.30 20.33 -12.43
CA LYS A 183 20.59 20.80 -11.91
C LYS A 183 20.86 22.28 -12.29
N ALA A 184 20.32 22.71 -13.42
CA ALA A 184 20.47 24.09 -13.89
C ALA A 184 19.72 25.09 -13.01
N ASP A 185 18.45 24.77 -12.73
CA ASP A 185 17.60 25.62 -11.93
C ASP A 185 18.00 25.57 -10.48
N TYR A 186 18.51 24.43 -10.07
CA TYR A 186 18.95 24.25 -8.70
C TYR A 186 20.19 25.09 -8.43
N GLU A 187 20.99 25.29 -9.46
CA GLU A 187 22.24 26.02 -9.30
C GLU A 187 22.07 27.52 -9.40
N LYS A 188 20.89 27.96 -9.82
CA LYS A 188 20.58 29.41 -9.89
C LYS A 188 20.25 30.01 -8.51
N HIS A 189 20.21 29.18 -7.47
CA HIS A 189 19.71 29.63 -6.18
C HIS A 189 20.55 29.14 -5.02
N LYS A 190 20.33 29.72 -3.84
CA LYS A 190 21.17 29.48 -2.67
C LYS A 190 20.41 28.93 -1.44
N VAL A 191 19.28 29.55 -1.12
CA VAL A 191 18.50 29.17 0.06
C VAL A 191 17.38 28.18 -0.29
N TYR A 192 17.41 27.00 0.34
CA TYR A 192 16.36 26.00 0.15
C TYR A 192 15.63 25.69 1.43
N ALA A 193 14.38 26.17 1.52
CA ALA A 193 13.60 26.11 2.75
C ALA A 193 12.31 25.32 2.61
N CYS A 194 12.03 24.55 3.67
CA CYS A 194 10.82 23.76 3.81
C CYS A 194 10.01 24.32 4.98
N GLU A 195 8.84 24.92 4.69
CA GLU A 195 7.99 25.50 5.75
C GLU A 195 6.71 24.69 6.02
N VAL A 196 6.60 24.24 7.26
CA VAL A 196 5.56 23.29 7.66
C VAL A 196 4.51 23.91 8.61
N THR A 197 3.27 23.97 8.14
CA THR A 197 2.15 24.40 8.98
C THR A 197 1.34 23.19 9.47
N HIS A 198 1.14 23.11 10.78
CA HIS A 198 0.45 21.98 11.38
C HIS A 198 -0.16 22.37 12.69
N GLN A 199 -1.32 21.79 12.99
CA GLN A 199 -2.11 22.07 14.19
C GLN A 199 -1.27 22.08 15.50
N GLY A 200 -0.48 21.03 15.70
CA GLY A 200 0.40 20.90 16.86
C GLY A 200 1.56 21.88 16.95
N LEU A 201 1.77 22.67 15.90
CA LEU A 201 2.75 23.75 15.94
C LEU A 201 2.01 25.08 16.02
N SER A 202 2.40 25.90 17.00
CA SER A 202 1.71 27.18 17.25
C SER A 202 1.87 28.15 16.08
N SER A 203 3.05 28.13 15.48
CA SER A 203 3.34 28.88 14.25
C SER A 203 4.28 28.06 13.35
N PRO A 204 4.25 28.31 12.03
CA PRO A 204 5.04 27.53 11.08
C PRO A 204 6.49 27.29 11.48
N VAL A 205 7.00 26.10 11.16
CA VAL A 205 8.39 25.73 11.37
C VAL A 205 9.11 25.66 10.02
N THR A 206 10.27 26.30 9.94
CA THR A 206 11.07 26.27 8.73
C THR A 206 12.42 25.62 8.99
N LYS A 207 12.70 24.54 8.27
CA LYS A 207 14.04 24.00 8.19
C LYS A 207 14.54 24.33 6.79
N SER A 208 15.84 24.54 6.67
CA SER A 208 16.47 24.98 5.42
C SER A 208 17.98 24.76 5.38
N PHE A 209 18.57 24.98 4.19
CA PHE A 209 20.02 24.92 4.02
C PHE A 209 20.46 25.90 2.94
N ASN A 210 21.72 26.32 3.04
CA ASN A 210 22.41 27.02 1.97
C ASN A 210 23.28 26.00 1.24
N ARG A 211 23.42 26.17 -0.06
CA ARG A 211 23.97 25.12 -0.95
C ARG A 211 25.36 24.59 -0.61
N GLY A 212 25.41 23.35 -0.07
CA GLY A 212 26.66 22.68 0.30
C GLY A 212 27.42 23.35 1.44
N GLU A 213 27.01 23.08 2.68
CA GLU A 213 27.60 23.74 3.83
C GLU A 213 27.83 22.84 5.06
N CYS A 214 28.45 21.68 4.83
CA CYS A 214 28.80 20.73 5.89
C CYS A 214 27.92 20.80 7.14
N GLU B 1 0.12 -26.34 7.13
CA GLU B 1 -0.19 -24.99 6.58
C GLU B 1 -0.82 -25.09 5.18
N VAL B 2 -2.13 -24.83 5.15
CA VAL B 2 -2.82 -24.53 3.90
C VAL B 2 -2.19 -23.25 3.35
N GLN B 3 -1.58 -23.34 2.17
CA GLN B 3 -1.15 -22.13 1.45
C GLN B 3 -1.56 -22.13 -0.02
N LEU B 4 -1.79 -20.92 -0.53
CA LEU B 4 -2.05 -20.69 -1.95
C LEU B 4 -0.93 -19.79 -2.45
N VAL B 5 -0.10 -20.33 -3.33
CA VAL B 5 1.08 -19.63 -3.81
C VAL B 5 0.85 -19.27 -5.26
N GLU B 6 0.72 -17.97 -5.53
CA GLU B 6 0.49 -17.52 -6.89
C GLU B 6 1.76 -16.93 -7.47
N SER B 7 1.84 -16.94 -8.80
CA SER B 7 3.02 -16.48 -9.53
C SER B 7 2.63 -16.04 -10.93
N GLY B 8 3.53 -15.31 -11.59
CA GLY B 8 3.43 -15.04 -13.02
C GLY B 8 2.71 -13.77 -13.41
N GLY B 9 2.86 -12.73 -12.60
CA GLY B 9 2.31 -11.43 -13.00
C GLY B 9 3.29 -10.74 -13.92
N GLY B 10 3.54 -9.46 -13.66
CA GLY B 10 4.59 -8.73 -14.36
C GLY B 10 4.04 -7.47 -15.01
N LEU B 11 4.78 -6.98 -15.99
CA LEU B 11 4.40 -5.85 -16.81
C LEU B 11 4.22 -6.32 -18.25
N VAL B 12 3.08 -6.03 -18.86
CA VAL B 12 2.93 -6.16 -20.32
C VAL B 12 2.42 -4.90 -20.95
N GLN B 13 2.72 -4.76 -22.25
CA GLN B 13 2.16 -3.69 -23.09
C GLN B 13 0.70 -3.98 -23.38
N PRO B 14 -0.12 -2.93 -23.47
CA PRO B 14 -1.55 -3.07 -23.80
C PRO B 14 -1.79 -3.98 -25.00
N GLY B 15 -2.63 -4.99 -24.81
CA GLY B 15 -2.95 -5.94 -25.88
C GLY B 15 -2.24 -7.27 -25.75
N GLY B 16 -1.21 -7.31 -24.91
CA GLY B 16 -0.44 -8.54 -24.66
C GLY B 16 -1.17 -9.61 -23.86
N SER B 17 -0.43 -10.64 -23.46
CA SER B 17 -1.00 -11.72 -22.67
C SER B 17 -0.12 -12.11 -21.49
N LEU B 18 -0.78 -12.51 -20.39
CA LEU B 18 -0.12 -13.07 -19.22
C LEU B 18 -0.92 -14.24 -18.71
N ARG B 19 -0.23 -15.21 -18.11
CA ARG B 19 -0.89 -16.27 -17.38
C ARG B 19 -0.51 -16.22 -15.90
N LEU B 20 -1.53 -16.12 -15.06
CA LEU B 20 -1.34 -16.20 -13.61
C LEU B 20 -1.65 -17.62 -13.19
N SER B 21 -0.78 -18.19 -12.38
CA SER B 21 -1.06 -19.50 -11.83
C SER B 21 -0.94 -19.44 -10.31
N CYS B 22 -1.81 -20.18 -9.64
CA CYS B 22 -1.83 -20.24 -8.20
C CYS B 22 -1.72 -21.70 -7.76
N ALA B 23 -0.66 -22.02 -7.03
CA ALA B 23 -0.36 -23.39 -6.60
C ALA B 23 -0.83 -23.64 -5.18
N ALA B 24 -1.79 -24.55 -5.04
CA ALA B 24 -2.36 -24.87 -3.74
C ALA B 24 -1.59 -25.99 -3.07
N SER B 25 -1.27 -25.81 -1.79
CA SER B 25 -0.60 -26.86 -1.02
C SER B 25 -1.17 -27.04 0.38
N GLY B 26 -1.12 -28.26 0.88
CA GLY B 26 -1.67 -28.59 2.18
C GLY B 26 -3.16 -28.86 2.16
N PHE B 27 -3.72 -28.93 0.95
CA PHE B 27 -5.11 -29.37 0.75
C PHE B 27 -5.30 -29.79 -0.71
N THR B 28 -6.40 -30.45 -1.01
CA THR B 28 -6.60 -30.91 -2.37
C THR B 28 -7.57 -29.93 -3.08
N LEU B 29 -7.04 -29.27 -4.10
CA LEU B 29 -7.76 -28.24 -4.84
C LEU B 29 -9.13 -28.71 -5.34
N ARG B 30 -9.22 -29.98 -5.74
CA ARG B 30 -10.47 -30.53 -6.27
C ARG B 30 -11.65 -30.47 -5.29
N SER B 31 -11.37 -30.24 -4.01
CA SER B 31 -12.40 -30.15 -2.97
C SER B 31 -13.13 -28.83 -2.97
N TYR B 32 -12.52 -27.81 -3.56
CA TYR B 32 -13.03 -26.44 -3.48
C TYR B 32 -13.31 -25.85 -4.83
N SER B 33 -14.30 -24.97 -4.88
CA SER B 33 -14.46 -24.05 -5.99
C SER B 33 -13.48 -22.92 -5.77
N MET B 34 -12.95 -22.38 -6.86
CA MET B 34 -11.89 -21.39 -6.74
C MET B 34 -12.21 -20.10 -7.48
N ASN B 35 -11.83 -18.97 -6.88
CA ASN B 35 -12.06 -17.65 -7.49
C ASN B 35 -10.79 -16.83 -7.70
N TRP B 36 -10.86 -15.90 -8.63
CA TRP B 36 -9.89 -14.82 -8.71
C TRP B 36 -10.54 -13.57 -8.25
N VAL B 37 -9.87 -12.82 -7.38
CA VAL B 37 -10.31 -11.49 -6.99
C VAL B 37 -9.16 -10.53 -7.26
N ARG B 38 -9.47 -9.31 -7.71
CA ARG B 38 -8.42 -8.31 -7.98
C ARG B 38 -8.72 -6.96 -7.34
N GLN B 39 -7.71 -6.09 -7.35
CA GLN B 39 -7.78 -4.78 -6.72
C GLN B 39 -6.87 -3.76 -7.40
N ALA B 40 -7.49 -2.79 -8.07
CA ALA B 40 -6.79 -1.64 -8.65
C ALA B 40 -6.07 -0.86 -7.56
N PRO B 41 -4.94 -0.19 -7.88
CA PRO B 41 -4.23 0.52 -6.82
C PRO B 41 -5.16 1.50 -6.11
N GLY B 42 -5.19 1.41 -4.78
CA GLY B 42 -6.05 2.25 -3.92
C GLY B 42 -7.54 2.31 -4.22
N LYS B 43 -8.09 1.24 -4.79
CA LYS B 43 -9.49 1.14 -5.13
C LYS B 43 -10.06 -0.13 -4.48
N GLY B 44 -11.30 -0.48 -4.79
CA GLY B 44 -11.97 -1.55 -4.08
C GLY B 44 -11.67 -2.96 -4.56
N LEU B 45 -12.36 -3.94 -3.99
CA LEU B 45 -12.21 -5.34 -4.40
C LEU B 45 -13.20 -5.69 -5.49
N GLU B 46 -12.70 -6.21 -6.60
CA GLU B 46 -13.55 -6.64 -7.69
C GLU B 46 -13.40 -8.14 -7.91
N TRP B 47 -14.52 -8.86 -7.88
CA TRP B 47 -14.50 -10.27 -8.20
C TRP B 47 -14.24 -10.45 -9.67
N VAL B 48 -13.43 -11.44 -10.03
CA VAL B 48 -13.02 -11.64 -11.42
C VAL B 48 -13.65 -12.86 -12.08
N SER B 49 -13.39 -14.03 -11.55
CA SER B 49 -13.89 -15.25 -12.18
C SER B 49 -14.02 -16.42 -11.20
N TYR B 50 -14.95 -17.31 -11.51
CA TYR B 50 -15.26 -18.51 -10.70
C TYR B 50 -15.06 -19.80 -11.50
N ILE B 51 -14.71 -20.88 -10.80
CA ILE B 51 -14.62 -22.23 -11.40
C ILE B 51 -14.96 -23.38 -10.42
N SER B 52 -15.93 -24.21 -10.82
CA SER B 52 -16.35 -25.42 -10.11
C SER B 52 -15.19 -26.32 -9.72
N ARG B 53 -15.41 -27.14 -8.70
CA ARG B 53 -14.51 -28.23 -8.38
C ARG B 53 -14.23 -28.99 -9.69
N SER B 54 -15.32 -29.33 -10.37
CA SER B 54 -15.33 -30.19 -11.55
C SER B 54 -14.84 -29.53 -12.86
N SER B 55 -14.43 -28.26 -12.78
CA SER B 55 -14.28 -27.41 -13.98
C SER B 55 -15.62 -27.25 -14.72
N HIS B 56 -16.69 -27.70 -14.06
CA HIS B 56 -18.03 -27.76 -14.63
C HIS B 56 -18.64 -26.41 -14.94
N THR B 57 -18.55 -25.49 -14.00
CA THR B 57 -19.18 -24.16 -14.12
C THR B 57 -18.12 -23.08 -14.00
N ILE B 58 -18.01 -22.22 -15.01
CA ILE B 58 -17.16 -21.04 -14.92
C ILE B 58 -18.03 -19.79 -15.02
N PHE B 59 -17.70 -18.75 -14.26
CA PHE B 59 -18.36 -17.46 -14.35
C PHE B 59 -17.31 -16.39 -14.59
N TYR B 60 -17.71 -15.30 -15.24
CA TYR B 60 -16.82 -14.16 -15.43
C TYR B 60 -17.50 -12.83 -15.12
N ALA B 61 -16.77 -11.90 -14.54
CA ALA B 61 -17.23 -10.53 -14.43
C ALA B 61 -17.21 -9.90 -15.84
N ASP B 62 -18.20 -9.06 -16.13
CA ASP B 62 -18.37 -8.48 -17.48
C ASP B 62 -17.12 -7.81 -18.05
N SER B 63 -16.30 -7.21 -17.18
CA SER B 63 -15.09 -6.50 -17.60
C SER B 63 -14.10 -7.42 -18.31
N VAL B 64 -14.08 -8.69 -17.94
CA VAL B 64 -13.05 -9.58 -18.43
C VAL B 64 -13.60 -10.64 -19.39
N LYS B 65 -14.91 -10.55 -19.63
CA LYS B 65 -15.74 -11.63 -20.24
C LYS B 65 -15.13 -12.38 -21.42
N GLY B 66 -14.63 -11.65 -22.41
CA GLY B 66 -14.10 -12.32 -23.60
C GLY B 66 -12.59 -12.36 -23.70
N ARG B 67 -11.91 -11.97 -22.62
CA ARG B 67 -10.47 -11.77 -22.66
C ARG B 67 -9.75 -12.72 -21.70
N PHE B 68 -10.34 -12.94 -20.54
CA PHE B 68 -9.72 -13.83 -19.55
C PHE B 68 -10.31 -15.22 -19.63
N THR B 69 -9.46 -16.21 -19.44
CA THR B 69 -9.88 -17.60 -19.39
C THR B 69 -9.44 -18.24 -18.08
N ILE B 70 -10.42 -18.63 -17.26
CA ILE B 70 -10.10 -19.35 -16.02
C ILE B 70 -9.98 -20.84 -16.31
N SER B 71 -8.99 -21.48 -15.69
CA SER B 71 -8.82 -22.93 -15.82
C SER B 71 -8.20 -23.60 -14.59
N ARG B 72 -8.21 -24.92 -14.58
CA ARG B 72 -7.99 -25.70 -13.39
C ARG B 72 -7.21 -26.97 -13.74
N ASP B 73 -6.05 -27.18 -13.14
CA ASP B 73 -5.44 -28.52 -13.19
C ASP B 73 -5.33 -29.17 -11.81
N ASN B 74 -6.36 -29.94 -11.46
CA ASN B 74 -6.47 -30.58 -10.15
C ASN B 74 -5.32 -31.52 -9.83
N ALA B 75 -4.86 -32.24 -10.86
CA ALA B 75 -3.69 -33.11 -10.75
C ALA B 75 -2.43 -32.34 -10.35
N LYS B 76 -2.41 -31.04 -10.62
CA LYS B 76 -1.31 -30.19 -10.19
C LYS B 76 -1.74 -29.31 -9.01
N ASN B 77 -2.96 -29.53 -8.51
CA ASN B 77 -3.54 -28.69 -7.46
C ASN B 77 -3.29 -27.20 -7.69
N SER B 78 -3.50 -26.78 -8.93
CA SER B 78 -3.23 -25.41 -9.35
C SER B 78 -4.40 -24.75 -10.09
N LEU B 79 -4.51 -23.44 -9.90
CA LEU B 79 -5.55 -22.63 -10.51
C LEU B 79 -4.93 -21.60 -11.45
N TYR B 80 -5.52 -21.45 -12.62
CA TYR B 80 -4.96 -20.56 -13.64
C TYR B 80 -5.91 -19.44 -14.08
N LEU B 81 -5.31 -18.40 -14.65
CA LEU B 81 -6.02 -17.33 -15.34
C LEU B 81 -5.14 -16.91 -16.51
N GLN B 82 -5.61 -17.22 -17.73
CA GLN B 82 -5.05 -16.69 -18.97
C GLN B 82 -5.62 -15.33 -19.18
N MET B 83 -4.75 -14.36 -19.44
CA MET B 83 -5.19 -12.98 -19.64
C MET B 83 -4.76 -12.44 -20.99
N ASP B 84 -5.69 -12.49 -21.95
CA ASP B 84 -5.48 -12.03 -23.32
C ASP B 84 -6.01 -10.62 -23.52
N SER B 85 -5.39 -9.89 -24.44
CA SER B 85 -5.79 -8.51 -24.74
C SER B 85 -5.87 -7.66 -23.47
N LEU B 86 -4.81 -7.68 -22.68
CA LEU B 86 -4.80 -6.96 -21.42
C LEU B 86 -4.95 -5.45 -21.67
N ARG B 87 -5.47 -4.75 -20.68
CA ARG B 87 -5.80 -3.34 -20.87
C ARG B 87 -5.43 -2.55 -19.64
N ASP B 88 -5.52 -1.22 -19.73
CA ASP B 88 -5.14 -0.38 -18.62
C ASP B 88 -5.96 -0.70 -17.37
N GLU B 89 -7.27 -0.79 -17.55
CA GLU B 89 -8.19 -1.15 -16.47
C GLU B 89 -7.95 -2.54 -15.88
N ASP B 90 -6.99 -3.29 -16.40
CA ASP B 90 -6.68 -4.62 -15.85
C ASP B 90 -5.53 -4.59 -14.86
N THR B 91 -4.80 -3.48 -14.82
CA THR B 91 -3.74 -3.31 -13.83
C THR B 91 -4.34 -3.38 -12.45
N ALA B 92 -3.75 -4.24 -11.61
CA ALA B 92 -4.27 -4.51 -10.27
C ALA B 92 -3.46 -5.60 -9.57
N MET B 93 -3.70 -5.75 -8.27
CA MET B 93 -3.19 -6.88 -7.53
C MET B 93 -4.15 -8.04 -7.75
N TYR B 94 -3.62 -9.19 -8.14
CA TYR B 94 -4.46 -10.33 -8.42
C TYR B 94 -4.39 -11.38 -7.30
N TYR B 95 -5.55 -11.67 -6.72
CA TYR B 95 -5.65 -12.63 -5.62
C TYR B 95 -6.32 -13.91 -6.04
N CYS B 96 -5.63 -15.00 -5.76
CA CYS B 96 -6.15 -16.34 -5.85
C CYS B 96 -6.89 -16.60 -4.51
N ALA B 97 -8.17 -16.95 -4.58
CA ALA B 97 -9.04 -16.94 -3.40
C ALA B 97 -9.91 -18.17 -3.26
N ARG B 98 -9.85 -18.81 -2.09
CA ARG B 98 -10.57 -20.06 -1.89
C ARG B 98 -11.85 -19.86 -1.11
N VAL B 99 -12.92 -20.35 -1.71
CA VAL B 99 -14.25 -20.30 -1.13
C VAL B 99 -14.39 -21.43 -0.10
N TYR B 100 -15.09 -21.13 0.99
CA TYR B 100 -15.35 -22.13 2.01
C TYR B 100 -16.22 -23.23 1.40
N SER B 101 -15.91 -24.48 1.69
CA SER B 101 -16.73 -25.57 1.15
C SER B 101 -17.48 -26.38 2.19
N SER B 102 -18.78 -26.09 2.28
CA SER B 102 -19.77 -26.91 2.96
C SER B 102 -20.56 -27.65 1.88
N GLY B 103 -21.32 -28.68 2.27
CA GLY B 103 -22.16 -29.42 1.33
C GLY B 103 -23.53 -28.78 1.23
N TRP B 104 -24.35 -29.05 2.23
CA TRP B 104 -25.60 -28.33 2.43
C TRP B 104 -25.28 -26.91 2.79
N HIS B 105 -26.05 -25.97 2.23
CA HIS B 105 -25.83 -24.53 2.42
C HIS B 105 -24.81 -23.94 1.49
N VAL B 106 -24.89 -22.61 1.40
CA VAL B 106 -24.11 -21.81 0.47
C VAL B 106 -23.14 -20.94 1.26
N SER B 107 -21.91 -20.84 0.77
CA SER B 107 -20.82 -20.25 1.55
C SER B 107 -19.65 -19.75 0.70
N ASP B 108 -19.94 -18.88 -0.27
CA ASP B 108 -18.91 -18.34 -1.13
C ASP B 108 -18.34 -17.06 -0.55
N TYR B 109 -17.78 -17.21 0.63
CA TYR B 109 -16.97 -16.18 1.24
C TYR B 109 -15.59 -16.81 1.32
N PHE B 110 -14.55 -15.99 1.53
CA PHE B 110 -13.20 -16.49 1.31
C PHE B 110 -12.47 -16.96 2.57
N ASP B 111 -12.33 -18.27 2.61
CA ASP B 111 -11.58 -19.04 3.58
C ASP B 111 -10.11 -18.63 3.62
N TYR B 112 -9.48 -18.53 2.45
CA TYR B 112 -8.04 -18.32 2.32
C TYR B 112 -7.72 -17.55 1.06
N TRP B 113 -6.77 -16.62 1.17
CA TRP B 113 -6.31 -15.83 0.04
C TRP B 113 -4.87 -16.08 -0.21
N GLY B 114 -4.46 -15.97 -1.47
CA GLY B 114 -3.05 -15.89 -1.78
C GLY B 114 -2.53 -14.53 -1.31
N GLN B 115 -1.22 -14.34 -1.35
CA GLN B 115 -0.61 -13.06 -0.97
C GLN B 115 -0.86 -11.97 -2.04
N GLY B 116 -1.14 -12.39 -3.27
CA GLY B 116 -1.39 -11.48 -4.39
C GLY B 116 -0.15 -11.26 -5.24
N ILE B 117 -0.28 -11.38 -6.57
CA ILE B 117 0.76 -10.89 -7.48
C ILE B 117 0.25 -9.71 -8.27
N LEU B 118 1.16 -8.82 -8.61
CA LEU B 118 0.86 -7.59 -9.32
C LEU B 118 0.89 -7.78 -10.84
N VAL B 119 -0.12 -7.22 -11.50
CA VAL B 119 -0.14 -7.19 -12.96
C VAL B 119 -0.18 -5.73 -13.42
N THR B 120 0.85 -5.31 -14.16
CA THR B 120 0.86 -3.94 -14.68
C THR B 120 0.78 -3.92 -16.20
N VAL B 121 -0.25 -3.25 -16.71
CA VAL B 121 -0.42 -3.02 -18.13
C VAL B 121 -0.01 -1.58 -18.42
N SER B 122 1.14 -1.42 -19.06
CA SER B 122 1.73 -0.11 -19.34
C SER B 122 2.60 -0.14 -20.60
N SER B 123 2.74 1.01 -21.24
CA SER B 123 3.63 1.12 -22.39
C SER B 123 5.07 1.41 -21.98
N ALA B 124 5.27 1.74 -20.71
CA ALA B 124 6.60 1.99 -20.15
C ALA B 124 7.35 0.70 -19.86
N SER B 125 8.68 0.77 -19.97
CA SER B 125 9.53 -0.39 -19.79
C SER B 125 10.12 -0.54 -18.39
N THR B 126 10.44 -1.78 -18.05
CA THR B 126 11.17 -2.10 -16.83
C THR B 126 12.49 -1.33 -16.75
N LYS B 127 12.51 -0.34 -15.87
CA LYS B 127 13.74 0.39 -15.52
C LYS B 127 14.05 0.10 -14.06
N GLY B 128 15.33 -0.07 -13.75
CA GLY B 128 15.77 -0.25 -12.36
C GLY B 128 16.04 1.09 -11.69
N PRO B 129 15.97 1.14 -10.35
CA PRO B 129 16.07 2.41 -9.62
C PRO B 129 17.49 2.92 -9.34
N SER B 130 17.67 4.24 -9.37
CA SER B 130 18.87 4.86 -8.79
C SER B 130 18.60 5.14 -7.32
N VAL B 131 19.59 4.86 -6.48
CA VAL B 131 19.46 5.01 -5.02
C VAL B 131 20.44 6.08 -4.51
N PHE B 132 19.90 7.13 -3.91
CA PHE B 132 20.70 8.25 -3.38
C PHE B 132 20.55 8.38 -1.87
N PRO B 133 21.62 8.84 -1.18
CA PRO B 133 21.50 8.98 0.27
C PRO B 133 20.82 10.29 0.67
N LEU B 134 20.02 10.23 1.71
CA LEU B 134 19.51 11.41 2.36
C LEU B 134 20.38 11.57 3.60
N ALA B 135 21.42 12.39 3.46
CA ALA B 135 22.49 12.49 4.44
C ALA B 135 22.09 13.27 5.70
N PRO B 136 22.36 12.69 6.88
CA PRO B 136 22.12 13.33 8.18
C PRO B 136 23.01 14.55 8.39
N SER B 137 22.42 15.73 8.59
CA SER B 137 23.22 16.92 8.91
C SER B 137 23.21 17.24 10.41
N SER B 138 24.02 18.23 10.80
CA SER B 138 24.03 18.72 12.18
C SER B 138 23.84 20.23 12.22
N GLY B 144 18.32 15.16 20.62
CA GLY B 144 19.48 14.36 20.27
C GLY B 144 19.14 13.23 19.31
N THR B 145 18.24 13.51 18.37
CA THR B 145 17.98 12.57 17.27
C THR B 145 18.25 13.22 15.92
N ALA B 146 18.91 12.46 15.05
CA ALA B 146 19.08 12.85 13.66
C ALA B 146 18.42 11.81 12.74
N ALA B 147 17.84 12.28 11.64
CA ALA B 147 17.22 11.43 10.65
C ALA B 147 18.12 11.29 9.43
N LEU B 148 17.99 10.16 8.76
CA LEU B 148 18.67 9.91 7.50
C LEU B 148 17.80 9.00 6.63
N GLY B 149 18.23 8.73 5.40
CA GLY B 149 17.50 7.79 4.54
C GLY B 149 18.04 7.54 3.15
N CYS B 150 17.21 6.89 2.32
CA CYS B 150 17.55 6.66 0.93
C CYS B 150 16.43 7.11 0.01
N LEU B 151 16.80 7.74 -1.09
CA LEU B 151 15.87 8.13 -2.12
C LEU B 151 16.01 7.11 -3.22
N VAL B 152 14.96 6.28 -3.38
CA VAL B 152 14.89 5.31 -4.46
C VAL B 152 14.10 5.95 -5.59
N LYS B 153 14.82 6.34 -6.64
CA LYS B 153 14.24 7.17 -7.68
C LYS B 153 14.23 6.50 -9.06
N ASP B 154 13.21 6.82 -9.85
CA ASP B 154 13.15 6.49 -11.29
C ASP B 154 13.17 4.98 -11.63
N TYR B 155 12.21 4.24 -11.09
CA TYR B 155 12.05 2.82 -11.43
C TYR B 155 10.66 2.50 -12.02
N PHE B 156 10.54 1.28 -12.55
CA PHE B 156 9.29 0.78 -13.11
C PHE B 156 9.40 -0.71 -13.31
N PRO B 157 8.34 -1.47 -13.00
CA PRO B 157 7.14 -0.97 -12.36
C PRO B 157 7.29 -1.12 -10.84
N GLU B 158 6.17 -1.06 -10.11
CA GLU B 158 6.15 -1.45 -8.71
C GLU B 158 6.41 -2.97 -8.57
N PRO B 159 6.86 -3.44 -7.39
CA PRO B 159 7.29 -2.73 -6.19
C PRO B 159 8.81 -2.68 -6.02
N VAL B 160 9.25 -1.89 -5.06
CA VAL B 160 10.54 -2.11 -4.41
C VAL B 160 10.29 -2.46 -2.93
N THR B 161 11.35 -2.81 -2.22
CA THR B 161 11.29 -3.02 -0.78
C THR B 161 12.62 -2.49 -0.27
N VAL B 162 12.58 -1.85 0.89
CA VAL B 162 13.78 -1.29 1.48
C VAL B 162 13.98 -1.85 2.89
N SER B 163 15.16 -2.39 3.16
CA SER B 163 15.50 -2.82 4.50
C SER B 163 16.68 -2.00 4.98
N TRP B 164 17.01 -2.14 6.26
CA TRP B 164 18.15 -1.42 6.83
C TRP B 164 19.08 -2.31 7.60
N ASN B 165 20.38 -2.19 7.28
CA ASN B 165 21.44 -3.00 7.87
C ASN B 165 21.10 -4.49 7.85
N SER B 166 20.66 -4.95 6.68
CA SER B 166 20.25 -6.34 6.44
C SER B 166 18.96 -6.76 7.15
N GLY B 167 18.26 -5.79 7.72
CA GLY B 167 17.05 -6.06 8.50
C GLY B 167 17.32 -6.05 9.98
N ALA B 168 18.55 -5.72 10.35
CA ALA B 168 18.96 -5.64 11.75
C ALA B 168 18.58 -4.29 12.35
N LEU B 169 18.03 -3.41 11.53
CA LEU B 169 17.50 -2.11 11.99
C LEU B 169 16.08 -1.94 11.47
N THR B 170 15.13 -2.01 12.41
CA THR B 170 13.71 -1.86 12.09
C THR B 170 13.07 -0.72 12.89
N SER B 171 13.53 -0.54 14.12
CA SER B 171 13.03 0.52 15.01
C SER B 171 13.12 1.94 14.38
N GLY B 172 11.97 2.61 14.27
CA GLY B 172 11.89 3.99 13.78
C GLY B 172 12.03 4.21 12.27
N VAL B 173 11.90 3.12 11.52
CA VAL B 173 12.00 3.13 10.06
C VAL B 173 10.67 3.57 9.44
N HIS B 174 10.72 4.42 8.42
CA HIS B 174 9.53 4.76 7.61
C HIS B 174 9.82 4.67 6.13
N THR B 175 9.25 3.65 5.48
CA THR B 175 9.35 3.54 4.02
C THR B 175 8.05 4.08 3.41
N PHE B 176 8.17 5.16 2.66
CA PHE B 176 7.00 5.83 2.10
C PHE B 176 6.42 5.10 0.87
N PRO B 177 5.09 5.10 0.74
CA PRO B 177 4.44 4.70 -0.50
C PRO B 177 5.05 5.39 -1.72
N ALA B 178 5.09 4.69 -2.85
CA ALA B 178 5.67 5.25 -4.07
C ALA B 178 4.79 6.34 -4.67
N VAL B 179 5.40 7.26 -5.42
CA VAL B 179 4.64 8.22 -6.22
C VAL B 179 5.03 8.11 -7.68
N LEU B 180 4.07 8.37 -8.56
CA LEU B 180 4.34 8.39 -9.99
C LEU B 180 4.77 9.78 -10.41
N GLN B 181 6.05 9.93 -10.76
CA GLN B 181 6.57 11.20 -11.27
C GLN B 181 5.95 11.51 -12.62
N SER B 182 5.96 12.80 -13.00
CA SER B 182 5.34 13.24 -14.25
C SER B 182 5.96 12.52 -15.44
N SER B 183 7.19 12.05 -15.24
CA SER B 183 7.95 11.28 -16.24
C SER B 183 7.39 9.88 -16.49
N GLY B 184 6.45 9.44 -15.64
CA GLY B 184 5.89 8.10 -15.76
C GLY B 184 6.65 7.02 -15.01
N LEU B 185 7.68 7.42 -14.26
CA LEU B 185 8.46 6.50 -13.40
C LEU B 185 8.11 6.70 -11.92
N TYR B 186 8.25 5.63 -11.14
CA TYR B 186 7.99 5.70 -9.68
C TYR B 186 9.23 6.18 -8.91
N SER B 187 8.96 6.84 -7.78
CA SER B 187 10.00 7.28 -6.87
C SER B 187 9.50 7.20 -5.44
N LEU B 188 10.34 6.75 -4.51
CA LEU B 188 9.99 6.77 -3.09
C LEU B 188 11.18 6.98 -2.17
N SER B 189 10.88 7.43 -0.95
CA SER B 189 11.91 7.56 0.07
C SER B 189 11.73 6.55 1.17
N SER B 190 12.84 6.16 1.78
CA SER B 190 12.83 5.37 2.98
C SER B 190 13.72 6.12 3.97
N VAL B 191 13.24 6.25 5.21
CA VAL B 191 13.97 7.02 6.22
C VAL B 191 14.03 6.31 7.56
N VAL B 192 15.02 6.67 8.36
CA VAL B 192 15.14 6.17 9.72
C VAL B 192 15.69 7.27 10.62
N THR B 193 15.14 7.37 11.83
CA THR B 193 15.68 8.26 12.84
C THR B 193 16.56 7.45 13.77
N VAL B 194 17.71 8.01 14.08
CA VAL B 194 18.71 7.38 14.94
C VAL B 194 19.30 8.42 15.88
N PRO B 195 19.67 8.01 17.10
CA PRO B 195 20.46 8.81 18.04
C PRO B 195 21.69 9.43 17.37
N SER B 196 21.83 10.75 17.48
CA SER B 196 22.93 11.48 16.82
C SER B 196 24.28 11.36 17.54
N SER B 197 24.24 10.92 18.80
CA SER B 197 25.44 10.53 19.52
C SER B 197 26.02 9.24 18.93
N SER B 198 25.17 8.44 18.28
CA SER B 198 25.58 7.20 17.63
C SER B 198 25.85 7.38 16.13
N LEU B 199 25.80 8.63 15.66
CA LEU B 199 26.04 8.93 14.24
C LEU B 199 27.41 8.46 13.73
N GLY B 200 28.47 9.13 14.16
CA GLY B 200 29.82 8.88 13.66
C GLY B 200 30.47 7.56 14.02
N THR B 201 29.77 6.74 14.82
CA THR B 201 30.31 5.43 15.22
C THR B 201 29.66 4.25 14.48
N GLN B 202 28.37 4.37 14.19
CA GLN B 202 27.59 3.28 13.60
C GLN B 202 27.34 3.47 12.10
N THR B 203 27.51 2.40 11.33
CA THR B 203 27.32 2.43 9.88
C THR B 203 25.85 2.15 9.53
N TYR B 204 25.33 2.90 8.54
CA TYR B 204 23.95 2.72 8.08
C TYR B 204 23.84 2.43 6.57
N ILE B 205 23.33 1.24 6.26
CA ILE B 205 23.24 0.75 4.88
C ILE B 205 21.81 0.34 4.53
N CYS B 206 21.19 1.08 3.60
CA CYS B 206 19.87 0.68 3.13
C CYS B 206 19.97 -0.29 1.98
N ASN B 207 19.28 -1.43 2.14
CA ASN B 207 19.24 -2.49 1.15
C ASN B 207 17.96 -2.43 0.35
N VAL B 208 18.09 -1.90 -0.87
CA VAL B 208 17.00 -1.80 -1.81
C VAL B 208 16.98 -3.06 -2.66
N ASN B 209 15.77 -3.58 -2.87
CA ASN B 209 15.53 -4.69 -3.77
C ASN B 209 14.44 -4.27 -4.75
N HIS B 210 14.63 -4.59 -6.01
CA HIS B 210 13.65 -4.32 -7.06
C HIS B 210 13.59 -5.52 -7.95
N LYS B 211 12.81 -6.51 -7.55
CA LYS B 211 12.67 -7.76 -8.29
C LYS B 211 12.39 -7.61 -9.79
N PRO B 212 11.39 -6.79 -10.18
CA PRO B 212 11.05 -6.71 -11.62
C PRO B 212 12.22 -6.46 -12.59
N SER B 213 13.40 -6.17 -12.07
CA SER B 213 14.59 -6.03 -12.91
C SER B 213 15.82 -6.68 -12.25
N ASN B 214 15.58 -7.53 -11.28
CA ASN B 214 16.63 -8.23 -10.54
C ASN B 214 17.78 -7.30 -10.08
N THR B 215 17.42 -6.03 -9.85
CA THR B 215 18.31 -4.99 -9.33
C THR B 215 18.26 -5.01 -7.81
N LYS B 216 19.40 -5.28 -7.19
CA LYS B 216 19.54 -5.22 -5.74
C LYS B 216 20.71 -4.30 -5.42
N VAL B 217 20.37 -3.10 -4.93
CA VAL B 217 21.36 -2.08 -4.62
C VAL B 217 21.43 -1.89 -3.11
N ASP B 218 22.63 -1.73 -2.58
CA ASP B 218 22.85 -1.28 -1.19
C ASP B 218 23.45 0.13 -1.21
N LYS B 219 23.46 0.80 -0.07
CA LYS B 219 24.05 2.14 -0.02
C LYS B 219 24.42 2.49 1.41
N LYS B 220 25.61 3.04 1.59
CA LYS B 220 26.10 3.46 2.89
C LYS B 220 25.71 4.92 3.06
N VAL B 221 24.92 5.24 4.09
CA VAL B 221 24.53 6.63 4.34
C VAL B 221 25.40 7.24 5.44
N GLU B 222 26.14 8.28 5.06
CA GLU B 222 27.07 8.94 5.95
C GLU B 222 26.91 10.46 5.83
N PRO B 223 27.17 11.21 6.91
CA PRO B 223 27.11 12.69 6.87
C PRO B 223 28.19 13.26 5.95
N LYS B 224 27.86 14.31 5.20
CA LYS B 224 28.79 14.86 4.18
C LYS B 224 29.85 15.85 4.70
N SER B 225 31.07 15.35 4.92
CA SER B 225 32.25 16.20 5.16
C SER B 225 32.70 16.82 3.83
N CYS B 226 33.44 17.93 3.88
CA CYS B 226 33.64 18.78 2.68
C CYS B 226 35.09 19.04 2.21
N HIS B 227 35.79 17.98 1.82
CA HIS B 227 37.15 18.03 1.24
C HIS B 227 36.96 17.92 -0.29
N HIS B 228 36.90 19.09 -0.97
CA HIS B 228 36.37 19.19 -2.38
C HIS B 228 37.29 19.60 -3.53
N HIS B 229 36.72 20.26 -4.57
CA HIS B 229 37.36 20.67 -5.87
C HIS B 229 37.79 19.54 -6.76
O1 MES C . -24.47 -14.37 -14.87
C2 MES C . -23.41 -14.87 -14.07
C3 MES C . -23.82 -16.14 -13.31
N4 MES C . -25.26 -16.20 -13.02
C5 MES C . -26.28 -15.28 -13.55
C6 MES C . -25.61 -14.01 -14.07
C7 MES C . -25.76 -17.27 -12.14
C8 MES C . -25.02 -17.16 -10.82
S MES C . -25.98 -17.67 -9.54
O1S MES C . -26.29 -19.10 -9.74
O2S MES C . -27.23 -16.89 -9.43
O3S MES C . -25.23 -17.59 -8.27
S SO4 D . 0.47 -30.76 -1.74
O1 SO4 D . -0.91 -30.56 -2.23
O2 SO4 D . 0.81 -32.20 -1.80
O3 SO4 D . 0.60 -30.31 -0.33
O4 SO4 D . 1.41 -29.99 -2.61
S SO4 E . -29.36 -20.64 4.08
O1 SO4 E . -30.07 -21.87 3.71
O2 SO4 E . -28.12 -20.53 3.27
O3 SO4 E . -29.05 -20.66 5.53
O4 SO4 E . -30.24 -19.48 3.79
NI NI F . 35.55 25.11 -3.00
NI NI G . -23.40 -29.64 -16.94
#